data_1AJO
#
_entry.id   1AJO
#
_cell.length_a   44.950
_cell.length_b   46.550
_cell.length_c   63.990
_cell.angle_alpha   92.60
_cell.angle_beta   109.28
_cell.angle_gamma   116.68
#
_symmetry.space_group_name_H-M   'P 1'
#
loop_
_entity.id
_entity.type
_entity.pdbx_description
1 polymer 'CIRCULARLY PERMUTED (1-3,1-4)-BETA-D-GLUCAN 4-GLUCANOHYDROLASE CPA16M-127'
2 non-polymer 'CALCIUM ION'
3 water water
#
_entity_poly.entity_id   1
_entity_poly.type   'polypeptide(L)'
_entity_poly.pdbx_seq_one_letter_code
;VGGHEKVISLGFDASKGFHTYAFDWQPGYIKWYVDGVLKHTATANIPSTPGKIMMNLWNGTGVDDWLGSYNGANPLYAEY
DWVKYTSNQTGGSFFEPFNSYNSGTWEKADGYSNGGVFNCTWRANNVNFTNDGKLKLGLTSSAYNKFDCAEYRSTNIYGY
GLYEVSMKPAKNTGIVSSFFTYTGPAHGTQWDEIDIEFLGKDTTKVQFNYYTNG
;
_entity_poly.pdbx_strand_id   A,B
#
# COMPACT_ATOMS: atom_id res chain seq x y z
N GLY A 3 -14.76 8.92 -7.83
CA GLY A 3 -14.48 10.14 -8.58
C GLY A 3 -15.60 11.16 -8.59
N HIS A 4 -16.19 11.49 -7.45
CA HIS A 4 -17.26 12.51 -7.45
C HIS A 4 -16.89 13.71 -6.57
N GLU A 5 -15.68 14.24 -6.76
CA GLU A 5 -15.15 15.28 -5.92
C GLU A 5 -15.94 16.60 -5.99
N LYS A 6 -16.21 17.07 -4.76
CA LYS A 6 -16.90 18.36 -4.67
C LYS A 6 -16.18 19.24 -3.65
N VAL A 7 -15.67 20.40 -4.04
CA VAL A 7 -14.94 21.27 -3.10
C VAL A 7 -15.88 22.41 -2.68
N ILE A 8 -16.17 22.55 -1.40
CA ILE A 8 -17.05 23.55 -0.85
C ILE A 8 -16.38 24.67 -0.04
N SER A 9 -16.71 25.94 -0.29
CA SER A 9 -16.21 27.02 0.55
C SER A 9 -16.77 26.98 1.95
N LEU A 10 -16.00 27.00 3.04
CA LEU A 10 -16.58 26.97 4.39
C LEU A 10 -17.07 28.34 4.91
N GLY A 11 -16.53 29.45 4.48
CA GLY A 11 -16.70 30.76 5.05
C GLY A 11 -15.99 30.95 6.38
N PHE A 12 -15.14 30.02 6.77
CA PHE A 12 -14.30 30.10 7.95
C PHE A 12 -13.02 29.24 7.75
N ASP A 13 -12.02 29.47 8.60
CA ASP A 13 -10.81 28.64 8.61
C ASP A 13 -10.99 27.49 9.57
N ALA A 14 -11.18 26.26 9.03
CA ALA A 14 -11.39 25.11 9.89
C ALA A 14 -10.27 24.78 10.87
N SER A 15 -9.05 25.21 10.62
CA SER A 15 -7.96 24.87 11.56
C SER A 15 -7.96 25.69 12.85
N LYS A 16 -8.78 26.72 12.94
CA LYS A 16 -8.79 27.64 14.08
C LYS A 16 -9.63 27.18 15.23
N GLY A 17 -10.44 26.11 15.08
CA GLY A 17 -11.20 25.61 16.22
C GLY A 17 -12.14 24.45 15.76
N PHE A 18 -12.89 23.87 16.67
CA PHE A 18 -13.73 22.74 16.42
C PHE A 18 -15.06 23.13 15.76
N HIS A 19 -15.41 22.34 14.75
CA HIS A 19 -16.71 22.48 14.06
C HIS A 19 -17.28 21.08 13.89
N THR A 20 -18.59 20.95 13.60
CA THR A 20 -19.16 19.61 13.48
C THR A 20 -19.42 19.32 11.99
N TYR A 21 -18.86 18.20 11.51
CA TYR A 21 -18.99 17.85 10.07
C TYR A 21 -19.78 16.55 10.01
N ALA A 22 -20.53 16.32 8.93
CA ALA A 22 -21.39 15.14 8.95
C ALA A 22 -21.85 14.74 7.55
N PHE A 23 -22.19 13.47 7.45
CA PHE A 23 -22.79 13.03 6.20
C PHE A 23 -23.91 12.06 6.61
N ASP A 24 -25.05 12.27 5.93
CA ASP A 24 -26.19 11.33 6.18
C ASP A 24 -26.12 10.33 5.02
N TRP A 25 -25.89 9.07 5.33
CA TRP A 25 -25.80 8.07 4.28
C TRP A 25 -27.05 7.17 4.33
N GLN A 26 -27.80 7.31 3.27
CA GLN A 26 -29.07 6.58 3.05
C GLN A 26 -29.05 5.91 1.69
N PRO A 27 -29.96 4.94 1.43
CA PRO A 27 -29.91 4.16 0.22
C PRO A 27 -29.90 4.98 -1.00
N GLY A 28 -30.65 6.07 -1.11
CA GLY A 28 -30.67 6.85 -2.31
C GLY A 28 -29.96 8.18 -2.36
N TYR A 29 -29.22 8.56 -1.30
CA TYR A 29 -28.51 9.84 -1.39
C TYR A 29 -27.40 9.86 -0.32
N ILE A 30 -26.57 10.87 -0.48
CA ILE A 30 -25.62 11.23 0.56
C ILE A 30 -25.80 12.75 0.72
N LYS A 31 -26.03 13.13 1.96
CA LYS A 31 -26.14 14.58 2.26
C LYS A 31 -25.02 14.94 3.26
N TRP A 32 -24.29 16.00 2.94
CA TRP A 32 -23.21 16.48 3.83
C TRP A 32 -23.57 17.82 4.50
N TYR A 33 -23.22 17.95 5.77
CA TYR A 33 -23.51 19.14 6.56
C TYR A 33 -22.27 19.76 7.23
N VAL A 34 -22.21 21.07 7.38
CA VAL A 34 -21.17 21.73 8.20
C VAL A 34 -21.91 22.56 9.28
N ASP A 35 -21.69 22.32 10.55
CA ASP A 35 -22.34 22.94 11.68
C ASP A 35 -23.88 22.94 11.56
N GLY A 36 -24.49 21.81 11.23
CA GLY A 36 -25.91 21.62 11.08
C GLY A 36 -26.51 22.09 9.76
N VAL A 37 -25.83 22.76 8.87
CA VAL A 37 -26.25 23.32 7.62
C VAL A 37 -25.92 22.45 6.40
N LEU A 38 -26.93 22.23 5.55
CA LEU A 38 -26.81 21.36 4.39
C LEU A 38 -25.92 22.04 3.39
N LYS A 39 -24.87 21.33 2.96
CA LYS A 39 -23.96 21.91 1.97
C LYS A 39 -23.96 21.26 0.61
N HIS A 40 -24.30 19.96 0.58
CA HIS A 40 -24.20 19.24 -0.68
C HIS A 40 -25.00 17.94 -0.67
N THR A 41 -25.64 17.63 -1.79
CA THR A 41 -26.41 16.39 -1.91
C THR A 41 -25.93 15.59 -3.11
N ALA A 42 -25.78 14.28 -2.98
CA ALA A 42 -25.43 13.45 -4.12
C ALA A 42 -26.54 12.38 -4.23
N THR A 43 -26.93 12.11 -5.48
CA THR A 43 -27.90 11.06 -5.73
C THR A 43 -27.46 10.01 -6.77
N ALA A 44 -26.41 10.10 -7.58
CA ALA A 44 -26.03 9.06 -8.54
C ALA A 44 -25.20 7.93 -7.95
N ASN A 45 -25.51 6.67 -8.20
CA ASN A 45 -24.78 5.52 -7.74
C ASN A 45 -24.20 5.69 -6.34
N ILE A 46 -25.03 5.53 -5.35
CA ILE A 46 -24.71 5.67 -3.95
C ILE A 46 -24.26 4.33 -3.40
N PRO A 47 -23.10 4.33 -2.72
CA PRO A 47 -22.56 3.13 -2.12
C PRO A 47 -23.61 2.37 -1.34
N SER A 48 -23.41 1.08 -1.11
CA SER A 48 -24.28 0.33 -0.24
C SER A 48 -23.56 -0.65 0.67
N THR A 49 -22.22 -0.80 0.55
CA THR A 49 -21.61 -1.81 1.45
C THR A 49 -21.11 -1.20 2.77
N PRO A 50 -21.49 -1.82 3.89
CA PRO A 50 -21.10 -1.36 5.20
C PRO A 50 -19.58 -1.24 5.29
N GLY A 51 -19.07 -0.22 5.97
CA GLY A 51 -17.63 0.00 6.01
C GLY A 51 -17.10 0.33 7.39
N LYS A 52 -15.77 0.44 7.50
CA LYS A 52 -15.18 0.86 8.76
C LYS A 52 -15.17 2.40 8.85
N ILE A 53 -15.24 2.93 10.07
CA ILE A 53 -15.09 4.38 10.23
C ILE A 53 -13.57 4.62 10.43
N MET A 54 -13.00 5.54 9.67
CA MET A 54 -11.57 5.81 9.72
C MET A 54 -11.25 7.29 9.81
N MET A 55 -10.11 7.62 10.44
CA MET A 55 -9.56 8.99 10.44
C MET A 55 -8.02 8.94 10.25
N ASN A 56 -7.44 9.75 9.43
CA ASN A 56 -5.98 9.75 9.29
C ASN A 56 -5.50 11.14 8.94
N LEU A 57 -4.19 11.24 8.89
CA LEU A 57 -3.42 12.45 8.60
C LEU A 57 -2.19 12.00 7.80
N TRP A 58 -1.97 12.54 6.63
CA TRP A 58 -0.79 12.04 5.89
C TRP A 58 -0.30 13.11 4.97
N ASN A 59 0.93 12.94 4.45
CA ASN A 59 1.55 13.85 3.49
C ASN A 59 1.55 13.09 2.15
N GLY A 60 1.37 13.75 1.04
CA GLY A 60 1.30 13.07 -0.24
C GLY A 60 2.55 13.28 -1.09
N THR A 61 2.64 12.45 -2.12
CA THR A 61 3.69 12.63 -3.12
C THR A 61 3.10 12.34 -4.50
N GLY A 62 3.51 13.04 -5.52
CA GLY A 62 3.06 12.88 -6.87
C GLY A 62 1.71 13.50 -7.13
N VAL A 63 1.15 14.29 -6.19
CA VAL A 63 -0.19 14.86 -6.43
C VAL A 63 -0.15 16.34 -6.16
N ASP A 64 0.93 16.98 -6.58
CA ASP A 64 1.20 18.37 -6.26
C ASP A 64 0.07 19.31 -6.69
N ASP A 65 -0.57 19.06 -7.81
CA ASP A 65 -1.63 19.87 -8.36
C ASP A 65 -2.85 19.79 -7.45
N TRP A 66 -3.12 18.64 -6.86
CA TRP A 66 -4.20 18.46 -5.90
C TRP A 66 -3.87 19.00 -4.51
N LEU A 67 -2.80 18.54 -3.84
CA LEU A 67 -2.49 18.89 -2.48
C LEU A 67 -1.50 20.02 -2.24
N GLY A 68 -0.84 20.53 -3.25
CA GLY A 68 0.31 21.45 -3.13
C GLY A 68 1.53 20.54 -2.79
N SER A 69 2.76 20.99 -2.98
CA SER A 69 3.89 20.12 -2.59
C SER A 69 4.11 20.15 -1.08
N TYR A 70 4.48 19.02 -0.48
CA TYR A 70 4.75 18.98 0.95
C TYR A 70 6.15 19.55 1.21
N ASN A 71 6.32 20.42 2.19
CA ASN A 71 7.62 21.04 2.45
C ASN A 71 8.31 20.50 3.68
N GLY A 72 7.98 19.36 4.23
CA GLY A 72 8.60 18.75 5.38
C GLY A 72 8.30 19.27 6.76
N ALA A 73 7.47 20.32 6.85
CA ALA A 73 7.10 20.87 8.16
C ALA A 73 6.58 19.83 9.08
N ASN A 74 7.02 19.75 10.33
CA ASN A 74 6.64 18.76 11.31
C ASN A 74 7.09 19.24 12.68
N PRO A 75 6.46 18.79 13.74
CA PRO A 75 5.31 17.93 13.73
C PRO A 75 3.99 18.69 13.45
N LEU A 76 3.02 17.97 12.87
CA LEU A 76 1.70 18.51 12.50
C LEU A 76 0.60 17.65 13.12
N TYR A 77 -0.52 18.26 13.56
CA TYR A 77 -1.52 17.52 14.32
C TYR A 77 -2.95 17.86 13.84
N ALA A 78 -3.78 16.81 13.80
CA ALA A 78 -5.19 16.92 13.48
C ALA A 78 -5.90 16.44 14.75
N GLU A 79 -6.93 17.17 15.19
CA GLU A 79 -7.54 16.67 16.46
C GLU A 79 -9.04 16.41 16.29
N TYR A 80 -9.49 15.42 17.04
CA TYR A 80 -10.88 14.97 16.94
C TYR A 80 -11.44 14.91 18.35
N ASP A 81 -12.54 15.64 18.61
CA ASP A 81 -13.14 15.62 19.96
C ASP A 81 -14.18 14.59 20.11
N TRP A 82 -15.00 14.17 19.12
CA TRP A 82 -15.90 13.04 19.36
C TRP A 82 -16.45 12.61 17.99
N VAL A 83 -17.01 11.42 17.98
CA VAL A 83 -17.59 10.90 16.72
C VAL A 83 -18.92 10.27 17.14
N LYS A 84 -19.96 10.52 16.35
CA LYS A 84 -21.28 9.97 16.66
C LYS A 84 -21.86 9.34 15.39
N TYR A 85 -22.39 8.15 15.52
CA TYR A 85 -23.03 7.45 14.40
C TYR A 85 -24.46 7.15 14.89
N THR A 86 -25.41 7.64 14.12
CA THR A 86 -26.81 7.40 14.49
C THR A 86 -27.38 6.38 13.47
N SER A 87 -27.61 5.17 13.94
CA SER A 87 -28.03 4.09 13.06
C SER A 87 -29.47 4.15 12.52
N ASN A 88 -29.65 3.59 11.32
CA ASN A 88 -30.97 3.34 10.76
C ASN A 88 -31.59 2.12 11.44
N GLN A 89 -30.76 1.22 11.97
CA GLN A 89 -31.23 0.06 12.72
C GLN A 89 -31.10 0.27 14.23
N THR A 90 -32.00 -0.30 15.02
CA THR A 90 -31.85 -0.31 16.47
C THR A 90 -30.59 -1.09 16.85
N GLY A 91 -29.92 -0.68 17.93
CA GLY A 91 -28.76 -1.38 18.46
C GLY A 91 -27.52 -1.28 17.59
N GLY A 92 -27.44 -0.27 16.74
CA GLY A 92 -26.32 -0.02 15.85
C GLY A 92 -25.63 1.30 16.21
N SER A 93 -26.32 2.21 16.90
CA SER A 93 -25.78 3.54 17.17
C SER A 93 -24.66 3.59 18.19
N PHE A 94 -23.75 4.56 18.13
CA PHE A 94 -22.73 4.66 19.19
C PHE A 94 -22.15 6.07 19.29
N PHE A 95 -21.56 6.41 20.42
CA PHE A 95 -20.96 7.72 20.67
C PHE A 95 -19.54 7.47 21.22
N GLU A 96 -18.54 8.05 20.56
CA GLU A 96 -17.16 7.84 21.00
C GLU A 96 -16.56 9.19 21.41
N PRO A 97 -16.33 9.38 22.70
CA PRO A 97 -15.79 10.63 23.21
C PRO A 97 -14.28 10.71 23.09
N PHE A 98 -13.48 9.69 22.85
CA PHE A 98 -12.03 9.82 22.78
C PHE A 98 -11.39 10.23 24.12
N ASN A 99 -11.81 9.59 25.21
CA ASN A 99 -11.26 9.76 26.54
C ASN A 99 -9.96 8.95 26.62
N SER A 100 -9.97 7.78 25.99
CA SER A 100 -8.77 6.94 25.91
C SER A 100 -8.91 5.90 24.82
N TYR A 101 -7.83 5.16 24.59
CA TYR A 101 -7.78 4.13 23.58
C TYR A 101 -8.67 2.98 24.02
N ASN A 102 -9.59 2.58 23.16
CA ASN A 102 -10.47 1.45 23.46
C ASN A 102 -10.19 0.38 22.41
N SER A 103 -9.37 -0.59 22.72
CA SER A 103 -8.95 -1.63 21.79
C SER A 103 -10.09 -2.56 21.39
N GLY A 104 -11.19 -2.60 22.13
CA GLY A 104 -12.38 -3.35 21.74
C GLY A 104 -13.09 -2.77 20.53
N THR A 105 -13.08 -1.45 20.33
CA THR A 105 -13.78 -0.85 19.20
C THR A 105 -12.90 -0.19 18.16
N TRP A 106 -11.64 0.15 18.47
CA TRP A 106 -10.76 0.76 17.50
C TRP A 106 -9.36 0.13 17.39
N GLU A 107 -8.67 0.43 16.27
CA GLU A 107 -7.30 -0.10 16.13
C GLU A 107 -6.40 0.97 15.56
N LYS A 108 -5.11 0.97 15.96
CA LYS A 108 -4.21 1.94 15.34
C LYS A 108 -3.44 1.34 14.17
N ALA A 109 -3.30 1.99 13.01
CA ALA A 109 -2.50 1.41 11.94
C ALA A 109 -1.04 1.41 12.42
N ASP A 110 -0.21 0.46 12.06
CA ASP A 110 1.19 0.52 12.51
C ASP A 110 2.18 -0.26 11.64
N GLY A 111 3.25 0.39 11.20
CA GLY A 111 4.39 -0.37 10.66
C GLY A 111 4.38 -0.57 9.15
N TYR A 112 3.43 -0.02 8.38
CA TYR A 112 3.44 -0.20 6.94
C TYR A 112 3.04 1.09 6.29
N SER A 113 3.16 1.19 5.00
CA SER A 113 2.75 2.37 4.30
C SER A 113 1.59 1.92 3.37
N ASN A 114 0.68 2.85 3.08
CA ASN A 114 -0.34 2.57 2.09
C ASN A 114 0.28 2.65 0.69
N GLY A 115 1.41 3.35 0.56
CA GLY A 115 2.08 3.47 -0.72
C GLY A 115 1.22 4.30 -1.64
N GLY A 116 1.62 4.43 -2.89
CA GLY A 116 0.85 5.22 -3.84
C GLY A 116 1.12 6.70 -3.66
N VAL A 117 0.05 7.48 -3.33
CA VAL A 117 0.15 8.92 -3.16
C VAL A 117 0.60 9.22 -1.72
N PHE A 118 0.46 8.23 -0.86
CA PHE A 118 0.81 8.30 0.53
C PHE A 118 2.34 8.27 0.71
N ASN A 119 2.95 9.30 1.27
CA ASN A 119 4.42 9.30 1.44
C ASN A 119 4.87 9.17 2.87
N CYS A 120 4.31 8.31 3.70
CA CYS A 120 4.64 8.23 5.10
C CYS A 120 4.29 6.85 5.59
N THR A 121 4.83 6.41 6.70
CA THR A 121 4.56 5.15 7.34
C THR A 121 3.67 5.35 8.56
N TRP A 122 2.64 4.51 8.72
CA TRP A 122 1.71 4.62 9.82
C TRP A 122 2.43 4.19 11.09
N ARG A 123 2.28 4.94 12.18
CA ARG A 123 2.84 4.51 13.45
C ARG A 123 1.82 4.58 14.57
N ALA A 124 1.71 3.53 15.37
CA ALA A 124 0.81 3.54 16.51
C ALA A 124 1.21 4.65 17.49
N ASN A 125 2.48 5.01 17.62
CA ASN A 125 2.96 6.07 18.49
C ASN A 125 2.47 7.45 18.10
N ASN A 126 2.09 7.69 16.85
CA ASN A 126 1.54 8.94 16.40
C ASN A 126 0.00 9.12 16.63
N VAL A 127 -0.57 8.19 17.33
CA VAL A 127 -2.01 8.24 17.67
C VAL A 127 -2.06 8.38 19.20
N ASN A 128 -2.36 9.57 19.68
CA ASN A 128 -2.38 9.83 21.14
C ASN A 128 -3.71 10.43 21.59
N PHE A 129 -3.95 10.42 22.89
CA PHE A 129 -5.10 10.97 23.57
C PHE A 129 -4.69 12.09 24.53
N THR A 130 -5.25 13.29 24.32
CA THR A 130 -5.01 14.41 25.23
C THR A 130 -5.72 14.24 26.56
N ASN A 131 -5.39 15.10 27.54
CA ASN A 131 -5.94 14.96 28.90
C ASN A 131 -7.36 15.53 28.92
N ASP A 132 -7.65 16.47 28.02
CA ASP A 132 -9.01 16.99 27.96
C ASP A 132 -9.85 16.16 26.98
N GLY A 133 -9.50 14.93 26.70
CA GLY A 133 -10.22 13.97 25.91
C GLY A 133 -10.13 14.25 24.42
N LYS A 134 -9.06 14.44 23.67
CA LYS A 134 -9.15 14.65 22.25
C LYS A 134 -8.29 13.57 21.59
N LEU A 135 -8.77 13.06 20.46
CA LEU A 135 -7.91 12.17 19.68
C LEU A 135 -6.94 13.12 18.98
N LYS A 136 -5.64 12.83 19.06
CA LYS A 136 -4.66 13.71 18.42
C LYS A 136 -3.74 12.87 17.51
N LEU A 137 -3.85 13.14 16.22
CA LEU A 137 -3.08 12.39 15.23
C LEU A 137 -1.84 13.23 14.91
N GLY A 138 -0.69 12.57 14.78
CA GLY A 138 0.48 13.41 14.42
C GLY A 138 1.26 12.94 13.20
N LEU A 139 1.85 13.84 12.49
CA LEU A 139 2.66 13.68 11.29
C LEU A 139 4.08 14.16 11.67
N THR A 140 4.94 13.19 12.00
CA THR A 140 6.28 13.52 12.52
C THR A 140 7.37 13.07 11.54
N SER A 141 8.64 13.28 11.94
CA SER A 141 9.75 12.78 11.08
C SER A 141 10.80 12.08 11.93
N SER A 142 11.23 10.89 11.54
CA SER A 142 12.22 10.12 12.25
C SER A 142 13.63 10.28 11.66
N ALA A 143 13.82 10.81 10.48
CA ALA A 143 15.14 10.92 9.87
C ALA A 143 15.03 11.88 8.72
N TYR A 144 16.09 12.36 8.09
CA TYR A 144 15.92 13.31 7.01
C TYR A 144 15.00 12.80 5.89
N ASN A 145 14.05 13.60 5.46
CA ASN A 145 12.97 13.28 4.57
C ASN A 145 12.25 11.96 4.75
N LYS A 146 12.07 11.45 5.96
CA LYS A 146 11.37 10.23 6.25
C LYS A 146 10.20 10.52 7.19
N PHE A 147 8.96 10.29 6.75
CA PHE A 147 7.79 10.76 7.53
C PHE A 147 6.92 9.65 8.06
N ASP A 148 6.38 9.86 9.26
CA ASP A 148 5.57 8.94 10.03
C ASP A 148 4.15 9.55 10.22
N CYS A 149 3.09 8.75 9.98
CA CYS A 149 1.77 9.44 10.02
C CYS A 149 0.83 8.60 10.84
N ALA A 150 -0.48 8.93 10.87
CA ALA A 150 -1.34 8.20 11.82
C ALA A 150 -2.75 7.93 11.27
N GLU A 151 -3.26 6.80 11.64
CA GLU A 151 -4.56 6.37 11.08
C GLU A 151 -5.28 5.59 12.16
N TYR A 152 -6.45 6.07 12.60
CA TYR A 152 -7.20 5.35 13.64
C TYR A 152 -8.47 4.77 13.00
N ARG A 153 -8.90 3.56 13.29
CA ARG A 153 -10.06 3.02 12.53
C ARG A 153 -10.84 2.00 13.32
N SER A 154 -12.17 1.96 13.12
CA SER A 154 -13.02 1.10 13.90
C SER A 154 -12.79 -0.38 13.59
N THR A 155 -13.03 -1.25 14.53
CA THR A 155 -12.90 -2.67 14.35
C THR A 155 -14.23 -3.20 13.76
N ASN A 156 -15.36 -2.55 14.07
CA ASN A 156 -16.64 -3.00 13.50
C ASN A 156 -17.00 -2.31 12.21
N ILE A 157 -17.94 -2.79 11.39
CA ILE A 157 -18.43 -2.13 10.20
C ILE A 157 -19.81 -1.51 10.44
N TYR A 158 -20.16 -0.42 9.79
CA TYR A 158 -21.36 0.35 10.03
C TYR A 158 -22.05 0.66 8.73
N GLY A 159 -23.38 0.68 8.77
CA GLY A 159 -24.19 0.94 7.58
C GLY A 159 -24.82 2.29 7.46
N TYR A 160 -26.01 2.31 6.84
CA TYR A 160 -26.71 3.56 6.52
C TYR A 160 -26.93 4.35 7.81
N GLY A 161 -26.99 5.67 7.72
CA GLY A 161 -27.20 6.44 8.95
C GLY A 161 -26.38 7.74 8.96
N LEU A 162 -26.50 8.45 10.07
CA LEU A 162 -25.95 9.77 10.22
C LEU A 162 -24.58 9.66 10.93
N TYR A 163 -23.58 10.15 10.18
CA TYR A 163 -22.18 10.11 10.74
C TYR A 163 -21.74 11.53 11.11
N GLU A 164 -21.37 11.77 12.36
CA GLU A 164 -20.97 13.13 12.71
C GLU A 164 -19.60 13.14 13.45
N VAL A 165 -18.86 14.21 13.20
CA VAL A 165 -17.55 14.31 13.86
C VAL A 165 -17.23 15.76 14.18
N SER A 166 -16.70 15.96 15.41
CA SER A 166 -16.25 17.30 15.79
C SER A 166 -14.71 17.35 15.64
N MET A 167 -14.16 18.12 14.74
CA MET A 167 -12.68 18.03 14.56
C MET A 167 -12.06 19.36 14.20
N LYS A 168 -10.72 19.39 14.16
CA LYS A 168 -9.92 20.54 13.80
C LYS A 168 -8.76 19.96 12.96
N PRO A 169 -8.75 20.19 11.68
CA PRO A 169 -7.74 19.65 10.79
C PRO A 169 -6.41 20.39 10.93
N ALA A 170 -5.34 19.75 10.46
CA ALA A 170 -4.05 20.44 10.36
C ALA A 170 -4.00 21.37 9.17
N LYS A 171 -3.25 22.46 9.33
CA LYS A 171 -3.02 23.35 8.21
C LYS A 171 -1.57 23.35 7.73
N ASN A 172 -1.30 23.04 6.47
CA ASN A 172 0.05 22.99 5.89
C ASN A 172 -0.01 22.50 4.45
N THR A 173 0.71 23.09 3.53
CA THR A 173 0.76 22.63 2.16
C THR A 173 1.12 21.16 2.13
N GLY A 174 0.63 20.43 1.14
CA GLY A 174 0.90 19.01 0.97
C GLY A 174 0.26 17.93 1.75
N ILE A 175 -0.67 18.19 2.70
CA ILE A 175 -1.21 17.19 3.55
C ILE A 175 -2.77 17.11 3.51
N VAL A 176 -3.28 16.07 4.17
CA VAL A 176 -4.69 15.82 4.28
C VAL A 176 -5.02 15.29 5.66
N SER A 177 -6.12 15.81 6.22
CA SER A 177 -6.69 15.39 7.47
C SER A 177 -8.13 14.94 7.10
N SER A 178 -8.59 13.74 7.52
CA SER A 178 -9.84 13.25 6.95
C SER A 178 -10.68 12.54 7.96
N PHE A 179 -11.96 12.30 7.59
CA PHE A 179 -12.90 11.50 8.34
C PHE A 179 -13.66 10.68 7.27
N PHE A 180 -13.74 9.36 7.33
CA PHE A 180 -14.27 8.63 6.15
C PHE A 180 -14.68 7.23 6.54
N THR A 181 -15.54 6.65 5.69
CA THR A 181 -15.96 5.28 5.80
C THR A 181 -15.24 4.54 4.65
N TYR A 182 -14.89 3.29 4.90
CA TYR A 182 -14.17 2.56 3.86
C TYR A 182 -14.40 1.07 4.02
N THR A 183 -14.46 0.46 2.84
CA THR A 183 -14.43 -1.00 2.68
C THR A 183 -13.79 -1.24 1.33
N GLY A 184 -13.10 -2.37 1.15
CA GLY A 184 -12.40 -2.60 -0.13
C GLY A 184 -11.80 -4.00 -0.21
N PRO A 185 -10.99 -4.28 -1.24
CA PRO A 185 -10.46 -5.61 -1.49
C PRO A 185 -9.77 -6.25 -0.31
N ALA A 186 -9.09 -5.50 0.56
CA ALA A 186 -8.51 -6.02 1.79
C ALA A 186 -9.52 -6.53 2.78
N HIS A 187 -10.79 -6.16 2.73
CA HIS A 187 -11.80 -6.65 3.67
C HIS A 187 -12.73 -7.68 3.01
N GLY A 188 -12.41 -8.07 1.79
CA GLY A 188 -13.14 -9.05 1.02
C GLY A 188 -14.33 -8.50 0.24
N THR A 189 -14.41 -7.20 -0.01
CA THR A 189 -15.57 -6.59 -0.65
C THR A 189 -15.20 -5.61 -1.76
N GLN A 190 -16.19 -5.01 -2.39
CA GLN A 190 -15.91 -4.03 -3.45
C GLN A 190 -15.46 -2.72 -2.76
N TRP A 191 -14.93 -1.77 -3.50
CA TRP A 191 -14.43 -0.55 -2.87
C TRP A 191 -15.54 0.50 -2.79
N ASP A 192 -16.09 0.66 -1.60
CA ASP A 192 -17.13 1.64 -1.32
C ASP A 192 -16.51 2.61 -0.24
N GLU A 193 -16.56 3.91 -0.50
CA GLU A 193 -16.05 4.86 0.47
C GLU A 193 -16.81 6.19 0.40
N ILE A 194 -16.93 6.86 1.52
CA ILE A 194 -17.51 8.21 1.53
C ILE A 194 -16.53 9.09 2.33
N ASP A 195 -16.12 10.23 1.78
CA ASP A 195 -15.15 11.05 2.48
C ASP A 195 -15.53 12.47 2.89
N ILE A 196 -14.92 12.92 3.98
CA ILE A 196 -14.75 14.34 4.34
C ILE A 196 -13.22 14.59 4.40
N GLU A 197 -12.66 15.35 3.49
CA GLU A 197 -11.21 15.55 3.52
C GLU A 197 -10.89 17.04 3.58
N PHE A 198 -10.01 17.40 4.47
CA PHE A 198 -9.47 18.77 4.53
C PHE A 198 -8.07 18.86 3.91
N LEU A 199 -7.93 19.55 2.82
CA LEU A 199 -6.64 19.68 2.16
C LEU A 199 -5.92 20.82 2.91
N GLY A 200 -4.79 20.49 3.52
CA GLY A 200 -4.05 21.42 4.37
C GLY A 200 -3.64 22.66 3.64
N LYS A 201 -3.52 22.65 2.33
CA LYS A 201 -3.10 23.84 1.59
C LYS A 201 -4.15 24.94 1.69
N ASP A 202 -5.42 24.66 1.97
CA ASP A 202 -6.40 25.75 2.17
C ASP A 202 -7.48 25.23 3.08
N THR A 203 -7.40 25.52 4.37
CA THR A 203 -8.31 25.00 5.35
C THR A 203 -9.60 25.86 5.43
N THR A 204 -9.81 26.70 4.43
CA THR A 204 -11.03 27.50 4.37
C THR A 204 -12.01 26.77 3.43
N LYS A 205 -11.65 25.59 2.96
CA LYS A 205 -12.50 24.79 2.05
C LYS A 205 -12.49 23.34 2.53
N VAL A 206 -13.46 22.55 2.07
CA VAL A 206 -13.53 21.15 2.48
C VAL A 206 -13.83 20.34 1.22
N GLN A 207 -13.30 19.12 1.12
CA GLN A 207 -13.56 18.33 -0.08
C GLN A 207 -14.44 17.13 0.29
N PHE A 208 -15.49 16.90 -0.50
CA PHE A 208 -16.41 15.79 -0.25
C PHE A 208 -16.29 14.84 -1.45
N ASN A 209 -16.34 13.54 -1.18
CA ASN A 209 -16.17 12.57 -2.25
C ASN A 209 -16.78 11.25 -1.85
N TYR A 210 -16.98 10.36 -2.82
CA TYR A 210 -17.44 9.00 -2.54
C TYR A 210 -17.10 8.11 -3.77
N TYR A 211 -16.97 6.83 -3.49
CA TYR A 211 -16.66 5.81 -4.47
C TYR A 211 -17.66 4.68 -4.26
N THR A 212 -18.12 4.11 -5.35
CA THR A 212 -19.03 2.94 -5.31
C THR A 212 -18.42 1.93 -6.28
N ASN A 213 -17.97 0.80 -5.80
CA ASN A 213 -17.31 -0.16 -6.69
C ASN A 213 -16.17 0.50 -7.46
N GLY A 214 -15.21 1.11 -6.75
CA GLY A 214 -14.15 1.86 -7.42
C GLY A 214 -13.10 0.89 -7.99
N VAL B 1 27.25 -23.42 -8.25
CA VAL B 1 26.67 -23.79 -6.92
C VAL B 1 25.41 -22.95 -6.68
N GLY B 2 24.34 -23.64 -6.29
CA GLY B 2 23.09 -22.96 -6.04
C GLY B 2 22.33 -23.60 -4.87
N GLY B 3 21.31 -22.89 -4.37
CA GLY B 3 20.59 -23.45 -3.24
C GLY B 3 21.16 -22.93 -1.92
N HIS B 4 20.92 -21.64 -1.61
CA HIS B 4 21.34 -21.10 -0.32
C HIS B 4 20.15 -20.57 0.46
N GLU B 5 19.01 -21.30 0.44
CA GLU B 5 17.77 -20.77 0.95
C GLU B 5 17.88 -20.46 2.44
N LYS B 6 17.36 -19.27 2.74
CA LYS B 6 17.20 -18.85 4.14
C LYS B 6 15.79 -18.25 4.32
N VAL B 7 15.03 -18.79 5.23
CA VAL B 7 13.67 -18.28 5.45
C VAL B 7 13.66 -17.45 6.73
N ILE B 8 13.24 -16.21 6.71
CA ILE B 8 13.20 -15.33 7.88
C ILE B 8 11.79 -14.91 8.33
N SER B 9 11.54 -14.91 9.63
CA SER B 9 10.27 -14.46 10.15
C SER B 9 10.13 -12.96 10.17
N LEU B 10 9.14 -12.34 9.50
CA LEU B 10 9.05 -10.89 9.41
C LEU B 10 8.53 -10.21 10.68
N GLY B 11 7.71 -10.85 11.48
CA GLY B 11 7.05 -10.20 12.60
C GLY B 11 5.88 -9.33 12.13
N PHE B 12 5.49 -9.43 10.87
CA PHE B 12 4.30 -8.79 10.31
C PHE B 12 3.79 -9.59 9.11
N ASP B 13 2.57 -9.30 8.68
CA ASP B 13 2.03 -9.87 7.46
C ASP B 13 2.32 -8.97 6.28
N ALA B 14 3.27 -9.35 5.40
CA ALA B 14 3.65 -8.54 4.27
C ALA B 14 2.52 -8.20 3.32
N SER B 15 1.45 -9.03 3.25
CA SER B 15 0.41 -8.65 2.27
C SER B 15 -0.56 -7.53 2.69
N LYS B 16 -0.46 -7.04 3.90
CA LYS B 16 -1.36 -6.00 4.39
C LYS B 16 -0.93 -4.60 4.03
N GLY B 17 0.31 -4.40 3.53
CA GLY B 17 0.69 -3.05 3.11
C GLY B 17 2.13 -2.98 2.61
N PHE B 18 2.59 -1.82 2.20
CA PHE B 18 3.91 -1.66 1.59
C PHE B 18 5.02 -1.57 2.64
N HIS B 19 6.06 -2.34 2.39
CA HIS B 19 7.30 -2.35 3.18
C HIS B 19 8.48 -2.30 2.19
N THR B 20 9.66 -1.87 2.68
CA THR B 20 10.82 -1.77 1.79
C THR B 20 11.76 -2.98 2.01
N TYR B 21 12.05 -3.66 0.90
CA TYR B 21 12.93 -4.84 0.94
C TYR B 21 14.18 -4.50 0.16
N ALA B 22 15.30 -5.07 0.59
CA ALA B 22 16.56 -4.73 -0.09
C ALA B 22 17.70 -5.74 0.09
N PHE B 23 18.58 -5.73 -0.91
CA PHE B 23 19.76 -6.60 -0.79
C PHE B 23 20.94 -5.70 -1.29
N ASP B 24 21.99 -5.69 -0.49
CA ASP B 24 23.22 -4.96 -0.86
C ASP B 24 24.15 -6.04 -1.48
N TRP B 25 24.46 -5.93 -2.75
CA TRP B 25 25.26 -6.89 -3.44
C TRP B 25 26.67 -6.30 -3.76
N GLN B 26 27.60 -6.89 -3.03
CA GLN B 26 29.01 -6.49 -3.09
C GLN B 26 29.88 -7.70 -3.38
N PRO B 27 31.12 -7.47 -3.82
CA PRO B 27 32.00 -8.57 -4.23
C PRO B 27 32.12 -9.65 -3.22
N GLY B 28 32.19 -9.39 -1.91
CA GLY B 28 32.36 -10.44 -0.94
C GLY B 28 31.21 -10.79 -0.05
N TYR B 29 30.02 -10.23 -0.28
CA TYR B 29 28.87 -10.56 0.56
C TYR B 29 27.56 -10.13 -0.14
N ILE B 30 26.51 -10.61 0.47
CA ILE B 30 25.13 -10.22 0.13
C ILE B 30 24.48 -9.99 1.52
N LYS B 31 24.01 -8.78 1.70
CA LYS B 31 23.29 -8.38 2.91
C LYS B 31 21.84 -7.98 2.52
N TRP B 32 20.89 -8.56 3.22
CA TRP B 32 19.48 -8.38 3.00
C TRP B 32 18.84 -7.61 4.16
N TYR B 33 17.97 -6.66 3.85
CA TYR B 33 17.30 -5.83 4.84
C TYR B 33 15.77 -5.81 4.68
N VAL B 34 15.01 -5.61 5.77
CA VAL B 34 13.55 -5.46 5.74
C VAL B 34 13.27 -4.14 6.49
N ASP B 35 12.72 -3.13 5.83
CA ASP B 35 12.47 -1.83 6.44
C ASP B 35 13.70 -1.18 7.11
N GLY B 36 14.84 -1.23 6.43
CA GLY B 36 16.10 -0.67 6.89
C GLY B 36 16.86 -1.51 7.90
N VAL B 37 16.38 -2.64 8.38
CA VAL B 37 16.96 -3.49 9.37
C VAL B 37 17.66 -4.73 8.78
N LEU B 38 18.89 -5.02 9.25
CA LEU B 38 19.70 -6.08 8.64
C LEU B 38 19.10 -7.39 9.10
N LYS B 39 18.81 -8.29 8.16
CA LYS B 39 18.22 -9.57 8.57
C LYS B 39 19.09 -10.78 8.25
N HIS B 40 19.96 -10.64 7.24
CA HIS B 40 20.76 -11.81 6.87
C HIS B 40 21.99 -11.44 6.05
N THR B 41 23.10 -12.15 6.31
CA THR B 41 24.36 -11.87 5.59
C THR B 41 24.90 -13.18 5.01
N ALA B 42 25.33 -13.15 3.76
CA ALA B 42 25.88 -14.34 3.10
C ALA B 42 27.31 -13.96 2.69
N THR B 43 28.25 -14.88 2.91
CA THR B 43 29.63 -14.60 2.48
C THR B 43 30.27 -15.67 1.62
N ALA B 44 29.66 -16.82 1.41
CA ALA B 44 30.13 -17.90 0.55
C ALA B 44 29.70 -17.86 -0.91
N ASN B 45 30.60 -18.08 -1.85
CA ASN B 45 30.39 -18.13 -3.26
C ASN B 45 29.41 -17.06 -3.75
N ILE B 46 29.76 -15.80 -3.60
CA ILE B 46 28.96 -14.68 -4.05
C ILE B 46 29.03 -14.54 -5.55
N PRO B 47 27.84 -14.36 -6.18
CA PRO B 47 27.71 -14.15 -7.60
C PRO B 47 28.54 -12.97 -8.06
N SER B 48 28.94 -12.92 -9.32
CA SER B 48 29.59 -11.70 -9.78
C SER B 48 29.16 -11.27 -11.14
N THR B 49 28.21 -11.95 -11.80
CA THR B 49 27.82 -11.50 -13.15
C THR B 49 26.63 -10.54 -13.16
N PRO B 50 26.78 -9.37 -13.78
CA PRO B 50 25.70 -8.40 -13.85
C PRO B 50 24.45 -9.04 -14.43
N GLY B 51 23.27 -8.69 -13.88
CA GLY B 51 22.03 -9.34 -14.34
C GLY B 51 20.87 -8.38 -14.54
N LYS B 52 19.72 -8.92 -15.00
CA LYS B 52 18.54 -8.08 -15.18
C LYS B 52 17.77 -7.97 -13.85
N ILE B 53 17.09 -6.85 -13.67
CA ILE B 53 16.22 -6.73 -12.50
C ILE B 53 14.85 -7.30 -12.94
N MET B 54 14.33 -8.26 -12.17
CA MET B 54 13.07 -8.92 -12.55
C MET B 54 12.05 -8.94 -11.41
N MET B 55 10.76 -9.05 -11.74
CA MET B 55 9.67 -9.16 -10.75
C MET B 55 8.57 -10.05 -11.39
N ASN B 56 8.02 -11.00 -10.69
CA ASN B 56 7.00 -11.86 -11.32
C ASN B 56 6.10 -12.43 -10.22
N LEU B 57 5.07 -13.09 -10.68
CA LEU B 57 4.03 -13.67 -9.84
C LEU B 57 3.58 -14.95 -10.54
N TRP B 58 3.63 -16.08 -9.85
CA TRP B 58 3.24 -17.29 -10.62
C TRP B 58 2.75 -18.33 -9.66
N ASN B 59 2.03 -19.33 -10.18
CA ASN B 59 1.54 -20.46 -9.44
C ASN B 59 2.45 -21.67 -9.79
N GLY B 60 2.75 -22.51 -8.85
CA GLY B 60 3.63 -23.65 -9.09
C GLY B 60 2.91 -24.97 -9.26
N THR B 61 3.63 -25.95 -9.77
CA THR B 61 3.16 -27.31 -9.82
C THR B 61 4.33 -28.25 -9.57
N GLY B 62 4.10 -29.34 -8.88
CA GLY B 62 5.07 -30.31 -8.47
C GLY B 62 5.92 -29.91 -7.28
N VAL B 63 5.60 -28.81 -6.61
CA VAL B 63 6.41 -28.34 -5.49
C VAL B 63 5.55 -28.05 -4.26
N ASP B 64 4.60 -28.95 -4.01
CA ASP B 64 3.64 -28.83 -2.94
C ASP B 64 4.28 -28.68 -1.57
N ASP B 65 5.37 -29.37 -1.27
CA ASP B 65 6.07 -29.24 -0.01
C ASP B 65 6.64 -27.84 0.21
N TRP B 66 7.19 -27.28 -0.85
CA TRP B 66 7.70 -25.92 -0.82
C TRP B 66 6.61 -24.86 -0.81
N LEU B 67 5.73 -24.82 -1.82
CA LEU B 67 4.76 -23.74 -1.97
C LEU B 67 3.38 -23.98 -1.39
N GLY B 68 3.03 -25.16 -0.97
CA GLY B 68 1.65 -25.63 -0.70
C GLY B 68 1.01 -25.86 -2.08
N SER B 69 -0.04 -26.65 -2.14
CA SER B 69 -0.80 -26.84 -3.37
C SER B 69 -1.55 -25.61 -3.84
N TYR B 70 -1.59 -25.27 -5.12
CA TYR B 70 -2.32 -24.11 -5.60
C TYR B 70 -3.78 -24.55 -5.83
N ASN B 71 -4.73 -23.77 -5.34
CA ASN B 71 -6.13 -24.14 -5.33
C ASN B 71 -6.94 -23.37 -6.38
N GLY B 72 -6.37 -22.78 -7.41
CA GLY B 72 -7.05 -22.05 -8.46
C GLY B 72 -7.61 -20.68 -8.22
N ALA B 73 -7.52 -20.21 -6.96
CA ALA B 73 -8.03 -18.87 -6.65
C ALA B 73 -7.50 -17.83 -7.59
N ASN B 74 -8.31 -16.95 -8.15
CA ASN B 74 -7.95 -15.91 -9.10
C ASN B 74 -9.11 -14.91 -9.21
N PRO B 75 -8.87 -13.68 -9.58
CA PRO B 75 -7.56 -13.13 -9.82
C PRO B 75 -6.75 -12.76 -8.58
N LEU B 76 -5.38 -12.81 -8.68
CA LEU B 76 -4.53 -12.50 -7.52
C LEU B 76 -3.49 -11.47 -7.92
N TYR B 77 -3.08 -10.57 -7.02
CA TYR B 77 -2.26 -9.44 -7.48
C TYR B 77 -1.09 -9.18 -6.51
N ALA B 78 0.05 -8.78 -7.10
CA ALA B 78 1.23 -8.38 -6.35
C ALA B 78 1.54 -6.94 -6.78
N GLU B 79 1.74 -6.03 -5.84
CA GLU B 79 1.95 -4.65 -6.28
C GLU B 79 3.33 -4.13 -5.85
N TYR B 80 3.85 -3.23 -6.64
CA TYR B 80 5.18 -2.68 -6.48
C TYR B 80 5.09 -1.17 -6.69
N ASP B 81 5.45 -0.46 -5.63
CA ASP B 81 5.36 1.03 -5.69
C ASP B 81 6.61 1.64 -6.25
N TRP B 82 7.87 1.18 -6.05
CA TRP B 82 9.01 1.79 -6.72
C TRP B 82 10.19 0.79 -6.56
N VAL B 83 11.17 0.96 -7.42
CA VAL B 83 12.40 0.16 -7.32
C VAL B 83 13.56 1.16 -7.40
N LYS B 84 14.55 1.04 -6.51
CA LYS B 84 15.74 1.90 -6.56
C LYS B 84 17.04 1.07 -6.57
N TYR B 85 17.93 1.39 -7.48
CA TYR B 85 19.22 0.69 -7.56
C TYR B 85 20.31 1.78 -7.36
N THR B 86 21.14 1.55 -6.37
CA THR B 86 22.21 2.54 -6.09
C THR B 86 23.56 1.91 -6.45
N SER B 87 24.13 2.37 -7.54
CA SER B 87 25.38 1.85 -8.04
C SER B 87 26.61 2.10 -7.19
N ASN B 88 27.60 1.19 -7.35
CA ASN B 88 28.98 1.48 -6.90
C ASN B 88 29.60 2.49 -7.85
N GLN B 89 29.14 2.58 -9.08
CA GLN B 89 29.27 3.56 -10.10
C GLN B 89 29.74 3.02 -11.45
N GLY B 91 26.32 8.79 -13.12
CA GLY B 91 26.37 7.57 -12.34
C GLY B 91 25.85 6.38 -13.14
N GLY B 92 25.53 5.31 -12.42
CA GLY B 92 24.95 4.13 -13.07
C GLY B 92 23.65 3.77 -12.32
N SER B 93 23.31 4.56 -11.30
CA SER B 93 22.06 4.47 -10.58
C SER B 93 20.77 4.76 -11.31
N PHE B 94 19.63 4.41 -10.69
CA PHE B 94 18.33 4.76 -11.26
C PHE B 94 17.20 4.53 -10.26
N PHE B 95 16.13 5.28 -10.42
CA PHE B 95 14.93 5.26 -9.60
C PHE B 95 13.72 5.03 -10.53
N GLU B 96 12.89 4.02 -10.26
CA GLU B 96 11.76 3.75 -11.16
C GLU B 96 10.48 3.84 -10.31
N PRO B 97 9.68 4.88 -10.54
CA PRO B 97 8.47 5.08 -9.79
C PRO B 97 7.31 4.28 -10.35
N PHE B 98 7.29 3.64 -11.50
CA PHE B 98 6.13 2.89 -11.97
C PHE B 98 4.89 3.79 -12.18
N ASN B 99 5.12 4.92 -12.84
CA ASN B 99 4.04 5.82 -13.22
C ASN B 99 3.34 5.27 -14.48
N SER B 100 4.14 4.71 -15.37
CA SER B 100 3.64 4.07 -16.58
C SER B 100 4.70 3.14 -17.16
N TYR B 101 4.32 2.40 -18.18
CA TYR B 101 5.20 1.50 -18.90
C TYR B 101 6.23 2.30 -19.68
N ASN B 102 7.49 1.97 -19.43
CA ASN B 102 8.59 2.63 -20.15
C ASN B 102 9.29 1.54 -20.95
N SER B 103 8.99 1.43 -22.24
CA SER B 103 9.54 0.38 -23.08
C SER B 103 11.03 0.54 -23.33
N GLY B 104 11.61 1.72 -23.12
CA GLY B 104 13.06 1.87 -23.23
C GLY B 104 13.84 1.15 -22.13
N THR B 105 13.31 1.05 -20.92
CA THR B 105 14.00 0.42 -19.83
C THR B 105 13.42 -0.90 -19.37
N TRP B 106 12.18 -1.24 -19.69
CA TRP B 106 11.58 -2.49 -19.22
C TRP B 106 10.92 -3.28 -20.33
N GLU B 107 10.64 -4.56 -20.05
CA GLU B 107 9.87 -5.32 -21.04
C GLU B 107 8.93 -6.28 -20.32
N LYS B 108 7.79 -6.59 -20.99
CA LYS B 108 6.85 -7.52 -20.36
C LYS B 108 7.05 -8.92 -20.96
N ALA B 109 7.09 -9.98 -20.16
CA ALA B 109 7.15 -11.33 -20.71
C ALA B 109 5.79 -11.63 -21.39
N ASP B 110 5.75 -12.31 -22.53
CA ASP B 110 4.45 -12.56 -23.16
C ASP B 110 4.44 -13.79 -24.04
N GLY B 111 3.49 -14.69 -23.81
CA GLY B 111 3.20 -15.69 -24.84
C GLY B 111 3.88 -17.04 -24.66
N TYR B 112 4.65 -17.32 -23.61
CA TYR B 112 5.33 -18.58 -23.44
C TYR B 112 5.29 -18.96 -21.99
N SER B 113 5.68 -20.15 -21.65
CA SER B 113 5.73 -20.52 -20.25
C SER B 113 7.20 -20.80 -19.90
N ASN B 114 7.58 -20.58 -18.65
CA ASN B 114 8.92 -20.98 -18.21
C ASN B 114 8.97 -22.50 -18.04
N GLY B 115 7.79 -23.13 -17.90
CA GLY B 115 7.77 -24.59 -17.81
C GLY B 115 8.43 -24.98 -16.50
N GLY B 116 8.63 -26.28 -16.28
CA GLY B 116 9.19 -26.74 -15.02
C GLY B 116 8.19 -26.69 -13.87
N VAL B 117 8.52 -25.92 -12.81
CA VAL B 117 7.69 -25.78 -11.64
C VAL B 117 6.62 -24.68 -11.88
N PHE B 118 6.80 -23.88 -12.90
CA PHE B 118 5.95 -22.79 -13.32
C PHE B 118 4.72 -23.32 -14.07
N ASN B 119 3.53 -23.17 -13.49
CA ASN B 119 2.34 -23.71 -14.16
C ASN B 119 1.45 -22.62 -14.76
N CYS B 120 1.98 -21.67 -15.51
CA CYS B 120 1.17 -20.59 -16.07
C CYS B 120 1.91 -20.03 -17.26
N THR B 121 1.22 -19.31 -18.12
CA THR B 121 1.75 -18.65 -19.28
C THR B 121 1.87 -17.14 -19.02
N TRP B 122 3.01 -16.53 -19.37
CA TRP B 122 3.20 -15.11 -19.12
C TRP B 122 2.30 -14.34 -20.11
N ARG B 123 1.64 -13.28 -19.64
CA ARG B 123 0.91 -12.44 -20.57
C ARG B 123 1.28 -10.99 -20.33
N ALA B 124 1.50 -10.24 -21.40
CA ALA B 124 1.69 -8.82 -21.30
C ALA B 124 0.43 -8.10 -20.78
N ASN B 125 -0.80 -8.65 -20.97
CA ASN B 125 -2.00 -8.03 -20.45
C ASN B 125 -2.11 -8.15 -18.94
N ASN B 126 -1.41 -9.03 -18.26
CA ASN B 126 -1.39 -9.18 -16.82
C ASN B 126 -0.34 -8.28 -16.10
N VAL B 127 0.29 -7.40 -16.81
CA VAL B 127 1.16 -6.38 -16.26
C VAL B 127 0.47 -5.01 -16.47
N ASN B 128 -0.06 -4.41 -15.42
CA ASN B 128 -0.76 -3.10 -15.58
C ASN B 128 -0.21 -2.06 -14.62
N PHE B 129 -0.53 -0.80 -14.84
CA PHE B 129 -0.13 0.33 -14.02
C PHE B 129 -1.37 1.01 -13.38
N THR B 130 -1.46 1.08 -12.08
CA THR B 130 -2.54 1.76 -11.38
C THR B 130 -2.46 3.27 -11.56
N ASN B 131 -3.54 3.97 -11.16
CA ASN B 131 -3.57 5.43 -11.40
C ASN B 131 -2.76 6.15 -10.34
N ASP B 132 -2.60 5.53 -9.17
CA ASP B 132 -1.75 6.13 -8.15
C ASP B 132 -0.31 5.64 -8.30
N GLY B 133 0.11 5.19 -9.45
CA GLY B 133 1.46 4.83 -9.82
C GLY B 133 1.90 3.50 -9.26
N LYS B 134 1.26 2.35 -9.32
CA LYS B 134 1.81 1.13 -8.76
C LYS B 134 1.92 0.17 -9.94
N LEU B 135 2.97 -0.67 -9.94
CA LEU B 135 3.07 -1.77 -10.88
C LEU B 135 2.14 -2.82 -10.29
N LYS B 136 1.28 -3.40 -11.11
CA LYS B 136 0.34 -4.39 -10.56
C LYS B 136 0.38 -5.62 -11.42
N LEU B 137 0.92 -6.69 -10.84
CA LEU B 137 1.06 -7.92 -11.59
C LEU B 137 -0.14 -8.83 -11.30
N GLY B 138 -0.71 -9.48 -12.32
CA GLY B 138 -1.86 -10.34 -11.94
C GLY B 138 -1.76 -11.77 -12.41
N LEU B 139 -2.35 -12.65 -11.65
CA LEU B 139 -2.41 -14.09 -11.91
C LEU B 139 -3.90 -14.39 -12.19
N THR B 140 -4.27 -14.48 -13.45
CA THR B 140 -5.68 -14.73 -13.83
C THR B 140 -5.89 -16.10 -14.47
N SER B 141 -7.16 -16.38 -14.85
CA SER B 141 -7.45 -17.67 -15.53
C SER B 141 -8.28 -17.42 -16.79
N SER B 142 -7.91 -18.00 -17.93
CA SER B 142 -8.61 -17.83 -19.18
C SER B 142 -9.53 -19.03 -19.48
N ALA B 143 -9.45 -20.12 -18.77
CA ALA B 143 -10.29 -21.30 -19.11
C ALA B 143 -10.14 -22.27 -17.97
N TYR B 144 -11.02 -23.29 -17.83
CA TYR B 144 -10.87 -24.15 -16.66
C TYR B 144 -9.42 -24.65 -16.50
N ASN B 145 -8.91 -24.55 -15.30
CA ASN B 145 -7.57 -24.90 -14.90
C ASN B 145 -6.43 -24.46 -15.82
N LYS B 146 -6.54 -23.28 -16.42
CA LYS B 146 -5.55 -22.70 -17.30
C LYS B 146 -5.18 -21.31 -16.75
N PHE B 147 -3.94 -21.11 -16.36
CA PHE B 147 -3.52 -19.87 -15.67
C PHE B 147 -2.53 -19.02 -16.40
N ASP B 148 -2.71 -17.70 -16.27
CA ASP B 148 -1.93 -16.69 -16.95
C ASP B 148 -1.19 -15.84 -15.92
N CYS B 149 0.13 -15.52 -16.15
CA CYS B 149 0.81 -14.89 -14.98
C CYS B 149 1.59 -13.71 -15.47
N ALA B 150 2.47 -13.09 -14.66
CA ALA B 150 3.07 -11.87 -15.14
C ALA B 150 4.55 -11.68 -14.69
N GLU B 151 5.30 -11.12 -15.59
CA GLU B 151 6.75 -10.99 -15.31
C GLU B 151 7.23 -9.70 -15.96
N TYR B 152 7.79 -8.81 -15.13
CA TYR B 152 8.26 -7.52 -15.72
C TYR B 152 9.80 -7.50 -15.56
N ARG B 153 10.55 -7.14 -16.61
CA ARG B 153 12.03 -7.18 -16.37
C ARG B 153 12.80 -6.13 -17.12
N SER B 154 13.91 -5.66 -16.52
CA SER B 154 14.65 -4.57 -17.13
C SER B 154 15.31 -4.98 -18.44
N THR B 155 15.51 -4.04 -19.33
CA THR B 155 16.17 -4.27 -20.60
C THR B 155 17.69 -4.20 -20.37
N ASN B 156 18.17 -3.41 -19.42
CA ASN B 156 19.59 -3.28 -19.15
C ASN B 156 20.08 -4.22 -18.06
N ILE B 157 21.38 -4.39 -17.88
CA ILE B 157 21.93 -5.28 -16.86
C ILE B 157 22.62 -4.43 -15.80
N TYR B 158 22.69 -4.86 -14.55
CA TYR B 158 23.12 -4.04 -13.43
C TYR B 158 24.07 -4.86 -12.56
N GLY B 159 25.03 -4.16 -11.95
CA GLY B 159 26.03 -4.82 -11.12
C GLY B 159 25.91 -4.65 -9.64
N TYR B 160 27.08 -4.69 -8.97
CA TYR B 160 27.19 -4.54 -7.53
C TYR B 160 26.48 -3.25 -7.10
N GLY B 161 25.91 -3.24 -5.92
CA GLY B 161 25.20 -2.06 -5.45
C GLY B 161 23.98 -2.45 -4.62
N LEU B 162 23.25 -1.41 -4.22
CA LEU B 162 22.14 -1.58 -3.30
C LEU B 162 20.83 -1.57 -4.10
N TYR B 163 20.09 -2.67 -3.94
CA TYR B 163 18.82 -2.84 -4.70
C TYR B 163 17.66 -2.71 -3.72
N GLU B 164 16.74 -1.77 -3.93
CA GLU B 164 15.63 -1.67 -2.96
C GLU B 164 14.24 -1.68 -3.69
N VAL B 165 13.26 -2.23 -3.00
CA VAL B 165 11.93 -2.31 -3.60
C VAL B 165 10.85 -2.16 -2.53
N SER B 166 9.82 -1.34 -2.87
CA SER B 166 8.68 -1.11 -1.98
C SER B 166 7.50 -1.96 -2.56
N MET B 167 7.04 -3.01 -1.94
CA MET B 167 6.07 -3.88 -2.63
C MET B 167 5.14 -4.50 -1.60
N LYS B 168 4.10 -5.18 -2.12
CA LYS B 168 3.12 -5.86 -1.26
C LYS B 168 2.77 -7.14 -2.04
N PRO B 169 3.25 -8.27 -1.58
CA PRO B 169 3.08 -9.54 -2.29
C PRO B 169 1.62 -10.03 -2.23
N ALA B 170 1.27 -10.98 -3.09
CA ALA B 170 -0.02 -11.65 -2.98
C ALA B 170 -0.03 -12.75 -1.95
N LYS B 171 -1.15 -12.93 -1.26
CA LYS B 171 -1.32 -14.00 -0.29
C LYS B 171 -2.27 -15.09 -0.81
N ASN B 172 -1.83 -16.33 -0.88
CA ASN B 172 -2.60 -17.48 -1.34
C ASN B 172 -1.74 -18.75 -1.38
N THR B 173 -2.21 -19.90 -1.01
CA THR B 173 -1.41 -21.12 -1.09
C THR B 173 -1.00 -21.30 -2.54
N GLY B 174 0.13 -21.99 -2.77
CA GLY B 174 0.66 -22.29 -4.06
C GLY B 174 1.31 -21.29 -4.93
N ILE B 175 1.63 -20.06 -4.53
CA ILE B 175 2.13 -19.05 -5.40
C ILE B 175 3.41 -18.35 -4.84
N VAL B 176 4.04 -17.59 -5.70
CA VAL B 176 5.20 -16.79 -5.34
C VAL B 176 5.08 -15.41 -5.94
N SER B 177 5.51 -14.40 -5.18
CA SER B 177 5.66 -13.03 -5.62
C SER B 177 7.14 -12.69 -5.34
N SER B 178 7.84 -12.18 -6.36
CA SER B 178 9.27 -12.02 -6.13
C SER B 178 9.83 -10.72 -6.66
N PHE B 179 11.08 -10.44 -6.23
CA PHE B 179 11.90 -9.35 -6.74
C PHE B 179 13.31 -10.01 -6.87
N PHE B 180 13.99 -9.98 -7.99
CA PHE B 180 15.30 -10.67 -8.08
C PHE B 180 16.11 -10.15 -9.25
N THR B 181 17.42 -10.52 -9.22
CA THR B 181 18.32 -10.20 -10.31
C THR B 181 18.63 -11.56 -10.98
N TYR B 182 18.82 -11.52 -12.29
CA TYR B 182 19.02 -12.79 -12.98
C TYR B 182 19.84 -12.62 -14.26
N THR B 183 20.62 -13.67 -14.47
CA THR B 183 21.39 -13.81 -15.72
C THR B 183 21.59 -15.32 -15.91
N GLY B 184 21.63 -15.81 -17.15
CA GLY B 184 21.68 -17.28 -17.32
C GLY B 184 21.90 -17.67 -18.76
N PRO B 185 21.82 -18.97 -19.08
CA PRO B 185 22.15 -19.46 -20.42
C PRO B 185 21.46 -18.72 -21.55
N ALA B 186 20.23 -18.25 -21.39
CA ALA B 186 19.52 -17.49 -22.40
C ALA B 186 20.15 -16.13 -22.69
N HIS B 187 20.96 -15.56 -21.81
CA HIS B 187 21.60 -14.27 -22.05
C HIS B 187 23.08 -14.42 -22.40
N GLY B 188 23.54 -15.64 -22.62
CA GLY B 188 24.90 -15.98 -22.96
C GLY B 188 25.87 -16.09 -21.81
N THR B 189 25.42 -16.30 -20.56
CA THR B 189 26.29 -16.33 -19.40
C THR B 189 26.00 -17.50 -18.45
N GLN B 190 26.76 -17.57 -17.35
CA GLN B 190 26.48 -18.59 -16.34
C GLN B 190 25.23 -18.14 -15.54
N TRP B 191 24.61 -19.02 -14.79
CA TRP B 191 23.41 -18.70 -14.04
C TRP B 191 23.79 -18.10 -12.68
N ASP B 192 23.58 -16.79 -12.57
CA ASP B 192 23.83 -16.02 -11.37
C ASP B 192 22.49 -15.29 -11.01
N GLU B 193 22.03 -15.54 -9.79
CA GLU B 193 20.78 -14.91 -9.37
C GLU B 193 20.75 -14.59 -7.89
N ILE B 194 20.07 -13.54 -7.50
CA ILE B 194 19.86 -13.21 -6.09
C ILE B 194 18.34 -12.99 -5.93
N ASP B 195 17.73 -13.64 -4.96
CA ASP B 195 16.28 -13.45 -4.82
C ASP B 195 15.73 -12.94 -3.51
N ILE B 196 14.54 -12.29 -3.66
CA ILE B 196 13.66 -11.95 -2.52
C ILE B 196 12.31 -12.61 -2.97
N GLU B 197 11.86 -13.63 -2.28
CA GLU B 197 10.66 -14.34 -2.69
C GLU B 197 9.70 -14.50 -1.54
N PHE B 198 8.45 -14.08 -1.79
CA PHE B 198 7.38 -14.24 -0.77
C PHE B 198 6.53 -15.43 -1.18
N LEU B 199 6.51 -16.46 -0.37
CA LEU B 199 5.72 -17.64 -0.67
C LEU B 199 4.31 -17.29 -0.15
N GLY B 200 3.35 -17.30 -1.05
CA GLY B 200 1.95 -16.95 -0.70
C GLY B 200 1.33 -17.76 0.42
N LYS B 201 1.80 -18.97 0.69
CA LYS B 201 1.19 -19.77 1.75
C LYS B 201 1.43 -19.16 3.11
N ASP B 202 2.42 -18.27 3.32
CA ASP B 202 2.64 -17.65 4.63
C ASP B 202 3.38 -16.35 4.35
N THR B 203 2.64 -15.23 4.34
CA THR B 203 3.18 -13.95 3.99
C THR B 203 3.69 -13.27 5.26
N THR B 204 3.84 -14.03 6.35
CA THR B 204 4.51 -13.52 7.54
C THR B 204 6.01 -13.90 7.50
N LYS B 205 6.46 -14.56 6.43
CA LYS B 205 7.86 -14.95 6.25
C LYS B 205 8.35 -14.46 4.90
N VAL B 206 9.66 -14.45 4.70
CA VAL B 206 10.25 -14.05 3.42
C VAL B 206 11.36 -15.08 3.15
N GLN B 207 11.63 -15.40 1.92
CA GLN B 207 12.67 -16.40 1.62
C GLN B 207 13.75 -15.67 0.82
N PHE B 208 15.01 -15.77 1.25
CA PHE B 208 16.15 -15.17 0.58
C PHE B 208 16.99 -16.31 -0.04
N ASN B 209 17.61 -16.10 -1.18
CA ASN B 209 18.34 -17.18 -1.82
C ASN B 209 19.27 -16.50 -2.84
N TYR B 210 20.18 -17.31 -3.37
CA TYR B 210 21.05 -16.87 -4.44
C TYR B 210 21.71 -18.10 -5.11
N TYR B 211 22.11 -17.91 -6.35
CA TYR B 211 22.77 -18.93 -7.14
C TYR B 211 24.01 -18.30 -7.75
N THR B 212 25.10 -19.07 -7.83
CA THR B 212 26.35 -18.63 -8.47
C THR B 212 26.78 -19.81 -9.37
N ASN B 213 26.78 -19.61 -10.67
CA ASN B 213 27.09 -20.70 -11.58
C ASN B 213 26.20 -21.92 -11.29
N GLY B 214 24.88 -21.75 -11.29
CA GLY B 214 23.96 -22.81 -10.93
C GLY B 214 23.78 -23.81 -12.08
#